data_7YC9
#
_entry.id   7YC9
#
_cell.length_a   53.232
_cell.length_b   58.177
_cell.length_c   95.258
_cell.angle_alpha   90.000
_cell.angle_beta   90.000
_cell.angle_gamma   90.000
#
_symmetry.space_group_name_H-M   'P 21 21 21'
#
loop_
_entity.id
_entity.type
_entity.pdbx_description
1 polymer 'Tyrosine-protein kinase BTK'
2 non-polymer (7~{S})-2-(4-bromanyl-3,5-dimethoxy-phenyl)-7-(1-propanoylpiperidin-4-yl)-4,5,6,7-tetrahydropyrazolo[1,5-a]pyrimidine-3-carboxamide
3 non-polymer 1,2-ETHANEDIOL
4 water water
#
_entity_poly.entity_id   1
_entity_poly.type   'polypeptide(L)'
_entity_poly.pdbx_seq_one_letter_code
;GSGSWEIDPKDLTFLKELGTGQFGVVKYGKWRGQYDVAIKMIKEGSMSEDEFIEEAKVMMNLSHEKLVQLYGVCTKQRPI
FIITEYMANGCLLNYLREMRHRFQTQQLLEMCKDVCEAMEYLESKQFLHRDLAARNCLVNDQGVVKVSDFGLSRYVLDDE
YTSSVGSKFPVRWSPPEVLMYSKFSSKSDIWAFGVLMWEIYSLGKMPYERFTNSETAEHIAQGLRLYRPHLASEKVYTIM
YSCWHEKADERPTFKILLSNILDVMDEES
;
_entity_poly.pdbx_strand_id   A
#
loop_
_chem_comp.id
_chem_comp.type
_chem_comp.name
_chem_comp.formula
EDO non-polymer 1,2-ETHANEDIOL 'C2 H6 O2'
IS4 non-polymer (7~{S})-2-(4-bromanyl-3,5-dimethoxy-phenyl)-7-(1-propanoylpiperidin-4-yl)-4,5,6,7-tetrahydropyrazolo[1,5-a]pyrimidine-3-carboxamide 'C23 H30 Br N5 O4'
#
# COMPACT_ATOMS: atom_id res chain seq x y z
N TRP A 5 -9.91 -22.41 -7.78
CA TRP A 5 -10.21 -21.07 -8.26
C TRP A 5 -9.68 -20.73 -9.64
N GLU A 6 -9.60 -21.73 -10.51
CA GLU A 6 -9.31 -21.49 -11.91
C GLU A 6 -10.57 -20.96 -12.58
N ILE A 7 -10.46 -19.84 -13.28
CA ILE A 7 -11.58 -19.22 -13.97
C ILE A 7 -11.52 -19.60 -15.45
N ASP A 8 -12.67 -19.94 -16.01
CA ASP A 8 -12.75 -20.14 -17.46
C ASP A 8 -12.64 -18.80 -18.15
N PRO A 9 -11.64 -18.58 -19.00
CA PRO A 9 -11.53 -17.29 -19.69
C PRO A 9 -12.76 -16.92 -20.51
N LYS A 10 -13.58 -17.90 -20.90
CA LYS A 10 -14.81 -17.58 -21.61
C LYS A 10 -15.80 -16.83 -20.73
N ASP A 11 -15.60 -16.84 -19.41
CA ASP A 11 -16.46 -16.12 -18.50
C ASP A 11 -15.98 -14.69 -18.25
N LEU A 12 -14.94 -14.24 -18.96
CA LEU A 12 -14.38 -12.90 -18.80
C LEU A 12 -14.60 -12.10 -20.06
N THR A 13 -15.05 -10.86 -19.91
CA THR A 13 -15.07 -9.89 -20.99
C THR A 13 -14.14 -8.74 -20.60
N PHE A 14 -13.11 -8.51 -21.40
CA PHE A 14 -12.24 -7.36 -21.17
C PHE A 14 -12.92 -6.12 -21.72
N LEU A 15 -12.93 -5.05 -20.93
CA LEU A 15 -13.56 -3.79 -21.33
C LEU A 15 -12.54 -2.79 -21.82
N LYS A 16 -11.53 -2.46 -21.01
CA LYS A 16 -10.56 -1.43 -21.39
C LYS A 16 -9.38 -1.50 -20.45
N GLU A 17 -8.28 -0.87 -20.86
CA GLU A 17 -7.04 -0.90 -20.10
C GLU A 17 -7.06 0.16 -19.00
N LEU A 18 -6.47 -0.19 -17.84
CA LEU A 18 -6.41 0.67 -16.68
C LEU A 18 -5.03 1.26 -16.43
N GLY A 19 -3.98 0.62 -16.92
CA GLY A 19 -2.62 1.04 -16.69
C GLY A 19 -1.74 -0.17 -16.47
N THR A 20 -0.53 0.07 -16.00
CA THR A 20 0.43 -1.00 -15.75
C THR A 20 0.96 -0.83 -14.33
N GLY A 21 1.10 -1.95 -13.62
CA GLY A 21 1.60 -1.89 -12.27
C GLY A 21 2.58 -3.02 -12.04
N GLN A 22 2.79 -3.40 -10.78
CA GLN A 22 3.68 -4.51 -10.49
C GLN A 22 3.19 -5.74 -11.22
N PHE A 23 4.10 -6.40 -11.91
CA PHE A 23 3.86 -7.66 -12.62
C PHE A 23 3.06 -7.54 -13.91
N GLY A 24 2.59 -6.35 -14.29
CA GLY A 24 2.07 -6.21 -15.64
C GLY A 24 0.83 -5.32 -15.76
N VAL A 25 0.26 -5.37 -16.97
CA VAL A 25 -0.86 -4.53 -17.37
C VAL A 25 -2.14 -4.98 -16.66
N VAL A 26 -2.98 -4.01 -16.29
CA VAL A 26 -4.25 -4.26 -15.64
C VAL A 26 -5.37 -3.75 -16.55
N LYS A 27 -6.43 -4.55 -16.67
CA LYS A 27 -7.61 -4.16 -17.43
C LYS A 27 -8.85 -4.27 -16.56
N TYR A 28 -9.84 -3.45 -16.88
CA TYR A 28 -11.18 -3.55 -16.29
C TYR A 28 -11.97 -4.55 -17.12
N GLY A 29 -12.61 -5.51 -16.44
CA GLY A 29 -13.40 -6.51 -17.13
C GLY A 29 -14.67 -6.84 -16.38
N LYS A 30 -15.46 -7.72 -17.00
CA LYS A 30 -16.65 -8.25 -16.35
C LYS A 30 -16.53 -9.76 -16.27
N TRP A 31 -16.96 -10.32 -15.15
CA TRP A 31 -16.88 -11.76 -14.91
C TRP A 31 -18.30 -12.27 -14.75
N ARG A 32 -18.63 -13.30 -15.54
CA ARG A 32 -19.97 -13.90 -15.50
C ARG A 32 -21.05 -12.88 -15.85
N GLY A 33 -20.68 -11.88 -16.64
CA GLY A 33 -21.60 -10.86 -17.10
C GLY A 33 -21.95 -9.76 -16.12
N GLN A 34 -21.91 -10.05 -14.82
CA GLN A 34 -22.44 -9.14 -13.82
C GLN A 34 -21.44 -8.61 -12.80
N TYR A 35 -20.22 -9.15 -12.73
CA TYR A 35 -19.28 -8.73 -11.70
C TYR A 35 -18.16 -7.90 -12.33
N ASP A 36 -17.96 -6.70 -11.80
CA ASP A 36 -16.77 -5.92 -12.15
C ASP A 36 -15.54 -6.63 -11.60
N VAL A 37 -14.50 -6.74 -12.43
CA VAL A 37 -13.24 -7.33 -12.01
C VAL A 37 -12.08 -6.52 -12.57
N ALA A 38 -10.95 -6.57 -11.87
CA ALA A 38 -9.66 -6.20 -12.44
C ALA A 38 -8.96 -7.47 -12.90
N ILE A 39 -8.33 -7.40 -14.06
CA ILE A 39 -7.61 -8.54 -14.64
C ILE A 39 -6.20 -8.08 -14.96
N LYS A 40 -5.21 -8.71 -14.33
CA LYS A 40 -3.82 -8.37 -14.54
C LYS A 40 -3.16 -9.48 -15.34
N MET A 41 -2.38 -9.09 -16.35
CA MET A 41 -1.76 -10.03 -17.27
C MET A 41 -0.31 -10.13 -16.80
N ILE A 42 0.06 -11.30 -16.26
CA ILE A 42 1.37 -11.45 -15.62
C ILE A 42 2.46 -11.40 -16.69
N LYS A 43 3.35 -10.43 -16.57
CA LYS A 43 4.39 -10.23 -17.57
C LYS A 43 5.26 -11.46 -17.70
N GLU A 44 5.49 -11.90 -18.94
CA GLU A 44 6.35 -13.06 -19.17
C GLU A 44 7.74 -12.82 -18.60
N GLY A 45 8.22 -13.77 -17.82
CA GLY A 45 9.51 -13.65 -17.17
C GLY A 45 9.49 -13.04 -15.79
N SER A 46 8.35 -12.50 -15.34
CA SER A 46 8.29 -11.98 -13.99
C SER A 46 8.27 -13.11 -12.97
N MET A 47 7.52 -14.18 -13.24
CA MET A 47 7.51 -15.35 -12.39
C MET A 47 7.01 -16.53 -13.22
N SER A 48 7.45 -17.71 -12.84
CA SER A 48 7.00 -18.93 -13.50
C SER A 48 5.56 -19.24 -13.08
N GLU A 49 4.96 -20.22 -13.77
CA GLU A 49 3.62 -20.64 -13.38
C GLU A 49 3.58 -21.13 -11.94
N ASP A 50 4.59 -21.93 -11.52
CA ASP A 50 4.57 -22.46 -10.17
C ASP A 50 4.78 -21.35 -9.14
N GLU A 51 5.68 -20.42 -9.44
CA GLU A 51 5.87 -19.26 -8.55
C GLU A 51 4.61 -18.43 -8.47
N PHE A 52 3.93 -18.23 -9.61
CA PHE A 52 2.67 -17.50 -9.59
C PHE A 52 1.65 -18.19 -8.71
N ILE A 53 1.50 -19.51 -8.87
CA ILE A 53 0.51 -20.24 -8.07
C ILE A 53 0.79 -20.09 -6.59
N GLU A 54 2.07 -20.19 -6.20
CA GLU A 54 2.40 -20.01 -4.79
C GLU A 54 2.11 -18.59 -4.30
N GLU A 55 2.35 -17.58 -5.14
CA GLU A 55 1.97 -16.22 -4.74
C GLU A 55 0.45 -16.10 -4.64
N ALA A 56 -0.29 -16.72 -5.55
CA ALA A 56 -1.74 -16.64 -5.46
C ALA A 56 -2.26 -17.33 -4.21
N LYS A 57 -1.62 -18.43 -3.80
CA LYS A 57 -2.06 -19.12 -2.59
C LYS A 57 -1.89 -18.24 -1.36
N VAL A 58 -0.77 -17.51 -1.29
CA VAL A 58 -0.58 -16.58 -0.17
C VAL A 58 -1.71 -15.56 -0.14
N MET A 59 -2.06 -15.03 -1.31
CA MET A 59 -3.13 -14.05 -1.39
C MET A 59 -4.48 -14.62 -0.98
N MET A 60 -4.80 -15.82 -1.44
CA MET A 60 -6.10 -16.39 -1.13
C MET A 60 -6.26 -16.62 0.36
N ASN A 61 -5.16 -17.03 1.03
CA ASN A 61 -5.21 -17.37 2.45
C ASN A 61 -5.32 -16.15 3.37
N LEU A 62 -5.04 -14.96 2.87
CA LEU A 62 -5.16 -13.72 3.64
C LEU A 62 -6.49 -13.08 3.28
N SER A 63 -7.41 -13.03 4.23
CA SER A 63 -8.78 -12.61 3.97
C SER A 63 -9.18 -11.51 4.93
N HIS A 64 -9.47 -10.33 4.40
CA HIS A 64 -9.92 -9.22 5.22
C HIS A 64 -10.64 -8.23 4.32
N GLU A 65 -11.63 -7.54 4.88
CA GLU A 65 -12.44 -6.60 4.10
C GLU A 65 -11.60 -5.48 3.49
N LYS A 66 -10.46 -5.16 4.08
CA LYS A 66 -9.63 -4.08 3.58
C LYS A 66 -8.41 -4.57 2.81
N LEU A 67 -8.38 -5.85 2.45
CA LEU A 67 -7.41 -6.38 1.50
C LEU A 67 -8.16 -6.70 0.21
N VAL A 68 -7.59 -6.30 -0.93
CA VAL A 68 -8.24 -6.57 -2.21
C VAL A 68 -8.43 -8.07 -2.37
N GLN A 69 -9.63 -8.49 -2.76
CA GLN A 69 -10.00 -9.90 -2.76
C GLN A 69 -9.61 -10.59 -4.06
N LEU A 70 -8.94 -11.72 -3.95
CA LEU A 70 -8.68 -12.57 -5.11
C LEU A 70 -9.95 -13.31 -5.49
N TYR A 71 -10.33 -13.25 -6.78
CA TYR A 71 -11.46 -14.01 -7.28
C TYR A 71 -11.03 -15.30 -7.99
N GLY A 72 -9.94 -15.28 -8.72
CA GLY A 72 -9.49 -16.48 -9.41
C GLY A 72 -8.32 -16.19 -10.31
N VAL A 73 -7.89 -17.23 -11.04
CA VAL A 73 -6.71 -17.17 -11.90
C VAL A 73 -7.01 -17.92 -13.20
N CYS A 74 -6.22 -17.60 -14.23
CA CYS A 74 -6.26 -18.30 -15.51
C CYS A 74 -4.82 -18.69 -15.82
N THR A 75 -4.46 -19.96 -15.60
CA THR A 75 -3.09 -20.40 -15.73
C THR A 75 -2.86 -21.37 -16.89
N LYS A 76 -3.91 -21.76 -17.61
CA LYS A 76 -3.75 -22.71 -18.71
C LYS A 76 -3.41 -22.03 -20.01
N GLN A 77 -2.57 -21.00 -19.98
CA GLN A 77 -2.43 -20.07 -21.07
C GLN A 77 -1.30 -19.11 -20.74
N ARG A 78 -0.86 -18.36 -21.76
CA ARG A 78 0.16 -17.34 -21.57
C ARG A 78 -0.27 -16.09 -22.33
N PRO A 79 -0.27 -14.92 -21.67
CA PRO A 79 0.13 -14.78 -20.26
C PRO A 79 -0.93 -15.27 -19.28
N ILE A 80 -0.46 -15.53 -18.07
CA ILE A 80 -1.35 -15.87 -16.97
C ILE A 80 -2.20 -14.66 -16.61
N PHE A 81 -3.48 -14.89 -16.28
CA PHE A 81 -4.34 -13.83 -15.75
C PHE A 81 -4.54 -14.05 -14.26
N ILE A 82 -4.55 -12.95 -13.50
CA ILE A 82 -5.08 -12.95 -12.13
C ILE A 82 -6.28 -12.01 -12.10
N ILE A 83 -7.34 -12.44 -11.41
CA ILE A 83 -8.64 -11.74 -11.42
C ILE A 83 -9.00 -11.37 -9.99
N THR A 84 -9.18 -10.09 -9.74
CA THR A 84 -9.43 -9.60 -8.38
C THR A 84 -10.59 -8.63 -8.35
N GLU A 85 -10.98 -8.31 -7.12
CA GLU A 85 -11.94 -7.24 -6.84
C GLU A 85 -11.52 -5.98 -7.58
N TYR A 86 -12.49 -5.31 -8.21
CA TYR A 86 -12.24 -4.11 -8.99
C TYR A 86 -12.24 -2.86 -8.11
N MET A 87 -11.19 -2.08 -8.20
CA MET A 87 -11.03 -0.84 -7.46
C MET A 87 -11.13 0.34 -8.42
N ALA A 88 -12.35 0.89 -8.54
CA ALA A 88 -12.67 1.78 -9.66
C ALA A 88 -11.96 3.13 -9.57
N ASN A 89 -11.59 3.57 -8.36
CA ASN A 89 -10.89 4.83 -8.20
C ASN A 89 -9.38 4.67 -8.24
N GLY A 90 -8.89 3.46 -8.50
CA GLY A 90 -7.49 3.29 -8.84
C GLY A 90 -6.55 3.51 -7.66
N CYS A 91 -5.34 3.89 -8.00
CA CYS A 91 -4.28 4.03 -7.01
CA CYS A 91 -4.34 3.99 -6.94
C CYS A 91 -4.55 5.22 -6.08
N LEU A 92 -4.32 5.03 -4.77
CA LEU A 92 -4.61 6.07 -3.79
C LEU A 92 -3.85 7.34 -4.07
N LEU A 93 -2.58 7.24 -4.46
CA LEU A 93 -1.80 8.45 -4.71
C LEU A 93 -2.46 9.33 -5.77
N ASN A 94 -2.90 8.73 -6.87
CA ASN A 94 -3.55 9.51 -7.92
C ASN A 94 -4.89 10.05 -7.45
N TYR A 95 -5.64 9.25 -6.69
CA TYR A 95 -6.93 9.66 -6.17
C TYR A 95 -6.79 10.89 -5.27
N LEU A 96 -5.82 10.88 -4.37
CA LEU A 96 -5.59 12.02 -3.48
C LEU A 96 -5.29 13.28 -4.27
N ARG A 97 -4.56 13.14 -5.37
CA ARG A 97 -4.16 14.31 -6.14
C ARG A 97 -5.29 14.85 -7.01
N GLU A 98 -6.38 14.12 -7.19
CA GLU A 98 -7.56 14.61 -7.91
C GLU A 98 -8.33 15.58 -7.02
N MET A 99 -8.28 16.87 -7.37
CA MET A 99 -8.87 17.92 -6.56
C MET A 99 -10.39 17.95 -6.61
N ARG A 100 -11.01 17.30 -7.60
CA ARG A 100 -12.47 17.35 -7.73
C ARG A 100 -13.18 16.77 -6.52
N HIS A 101 -12.47 16.06 -5.63
CA HIS A 101 -13.11 15.35 -4.54
C HIS A 101 -13.38 16.24 -3.33
N ARG A 102 -12.60 17.30 -3.14
CA ARG A 102 -12.77 18.23 -2.03
C ARG A 102 -12.86 17.47 -0.71
N PHE A 103 -11.77 16.79 -0.35
CA PHE A 103 -11.81 15.88 0.78
C PHE A 103 -12.05 16.62 2.09
N GLN A 104 -13.00 16.11 2.87
CA GLN A 104 -13.16 16.54 4.26
C GLN A 104 -12.19 15.78 5.15
N THR A 105 -11.84 16.38 6.28
CA THR A 105 -10.87 15.75 7.18
C THR A 105 -11.37 14.42 7.69
N GLN A 106 -12.68 14.27 7.87
CA GLN A 106 -13.22 12.98 8.31
C GLN A 106 -12.97 11.89 7.27
N GLN A 107 -13.04 12.24 5.97
CA GLN A 107 -12.76 11.27 4.92
C GLN A 107 -11.29 10.85 4.94
N LEU A 108 -10.40 11.79 5.22
CA LEU A 108 -8.97 11.46 5.26
C LEU A 108 -8.66 10.50 6.40
N LEU A 109 -9.26 10.71 7.58
CA LEU A 109 -9.04 9.78 8.68
C LEU A 109 -9.61 8.41 8.38
N GLU A 110 -10.75 8.35 7.69
CA GLU A 110 -11.33 7.07 7.30
CA GLU A 110 -11.33 7.07 7.30
C GLU A 110 -10.38 6.29 6.38
N MET A 111 -9.68 7.00 5.48
CA MET A 111 -8.70 6.31 4.64
C MET A 111 -7.59 5.70 5.49
N CYS A 112 -7.12 6.44 6.49
CA CYS A 112 -6.09 5.91 7.38
C CYS A 112 -6.62 4.71 8.14
N LYS A 113 -7.87 4.77 8.62
CA LYS A 113 -8.46 3.65 9.33
C LYS A 113 -8.52 2.41 8.44
N ASP A 114 -8.97 2.58 7.19
CA ASP A 114 -9.07 1.45 6.26
C ASP A 114 -7.73 0.72 6.15
N VAL A 115 -6.66 1.47 5.88
CA VAL A 115 -5.35 0.84 5.73
C VAL A 115 -4.87 0.25 7.04
N CYS A 116 -5.09 0.96 8.15
CA CYS A 116 -4.68 0.43 9.44
C CYS A 116 -5.36 -0.89 9.76
N GLU A 117 -6.62 -1.04 9.37
CA GLU A 117 -7.32 -2.30 9.59
C GLU A 117 -6.66 -3.44 8.80
N ALA A 118 -6.34 -3.18 7.54
CA ALA A 118 -5.64 -4.17 6.72
C ALA A 118 -4.32 -4.53 7.36
N MET A 119 -3.59 -3.53 7.85
CA MET A 119 -2.26 -3.81 8.34
C MET A 119 -2.31 -4.51 9.70
N GLU A 120 -3.33 -4.20 10.52
CA GLU A 120 -3.52 -4.94 11.76
CA GLU A 120 -3.52 -4.93 11.76
C GLU A 120 -3.74 -6.41 11.48
N TYR A 121 -4.52 -6.72 10.44
CA TYR A 121 -4.74 -8.11 10.08
C TYR A 121 -3.44 -8.75 9.60
N LEU A 122 -2.70 -8.09 8.72
CA LEU A 122 -1.43 -8.65 8.25
C LEU A 122 -0.46 -8.86 9.39
N GLU A 123 -0.36 -7.88 10.30
CA GLU A 123 0.45 -8.02 11.51
C GLU A 123 0.06 -9.26 12.32
N SER A 124 -1.24 -9.52 12.45
CA SER A 124 -1.70 -10.69 13.21
C SER A 124 -1.29 -12.00 12.55
N LYS A 125 -0.92 -11.97 11.29
CA LYS A 125 -0.44 -13.15 10.57
C LYS A 125 1.07 -13.11 10.38
N GLN A 126 1.76 -12.16 11.02
CA GLN A 126 3.20 -11.98 10.90
CA GLN A 126 3.22 -12.01 10.89
C GLN A 126 3.63 -11.79 9.45
N PHE A 127 2.79 -11.11 8.66
CA PHE A 127 3.06 -10.89 7.25
C PHE A 127 3.57 -9.46 7.11
N LEU A 128 4.68 -9.31 6.41
CA LEU A 128 5.30 -8.00 6.24
C LEU A 128 5.08 -7.49 4.82
N HIS A 129 4.81 -6.20 4.71
CA HIS A 129 4.52 -5.57 3.43
C HIS A 129 5.80 -5.09 2.75
N ARG A 130 6.53 -4.22 3.44
CA ARG A 130 7.84 -3.67 3.06
C ARG A 130 7.79 -2.58 2.00
N ASP A 131 6.62 -2.26 1.43
CA ASP A 131 6.51 -1.14 0.52
C ASP A 131 5.17 -0.43 0.69
N LEU A 132 4.76 -0.22 1.93
CA LEU A 132 3.50 0.50 2.14
C LEU A 132 3.70 1.97 1.81
N ALA A 133 2.79 2.53 1.01
CA ALA A 133 2.85 3.88 0.46
C ALA A 133 1.56 4.07 -0.31
N ALA A 134 1.18 5.34 -0.52
CA ALA A 134 -0.07 5.60 -1.24
C ALA A 134 -0.06 5.00 -2.64
N ARG A 135 1.10 4.92 -3.29
CA ARG A 135 1.17 4.34 -4.63
C ARG A 135 0.82 2.87 -4.65
N ASN A 136 0.81 2.20 -3.49
CA ASN A 136 0.51 0.78 -3.38
C ASN A 136 -0.81 0.50 -2.66
N CYS A 137 -1.68 1.49 -2.55
CA CYS A 137 -3.03 1.30 -2.06
C CYS A 137 -4.01 1.59 -3.19
N LEU A 138 -5.21 1.02 -3.07
CA LEU A 138 -6.24 1.15 -4.11
C LEU A 138 -7.53 1.66 -3.47
N VAL A 139 -8.39 2.28 -4.30
CA VAL A 139 -9.62 2.91 -3.83
C VAL A 139 -10.80 2.41 -4.67
N ASN A 140 -11.85 1.95 -4.02
CA ASN A 140 -13.01 1.48 -4.79
C ASN A 140 -14.00 2.61 -5.07
N ASP A 141 -15.11 2.24 -5.74
CA ASP A 141 -16.11 3.22 -6.14
C ASP A 141 -16.76 3.93 -4.95
N GLN A 142 -16.77 3.29 -3.79
CA GLN A 142 -17.33 3.86 -2.56
C GLN A 142 -16.31 4.67 -1.78
N GLY A 143 -15.09 4.81 -2.29
CA GLY A 143 -14.06 5.55 -1.58
C GLY A 143 -13.33 4.77 -0.51
N VAL A 144 -13.59 3.46 -0.40
CA VAL A 144 -12.89 2.63 0.59
C VAL A 144 -11.49 2.33 0.08
N VAL A 145 -10.51 2.48 0.95
CA VAL A 145 -9.11 2.17 0.62
C VAL A 145 -8.80 0.73 1.01
N LYS A 146 -8.14 0.01 0.10
CA LYS A 146 -7.72 -1.36 0.38
C LYS A 146 -6.29 -1.55 -0.08
N VAL A 147 -5.65 -2.61 0.42
CA VAL A 147 -4.28 -2.96 0.07
C VAL A 147 -4.31 -4.28 -0.70
N SER A 148 -3.62 -4.35 -1.86
CA SER A 148 -3.37 -5.63 -2.52
CA SER A 148 -3.37 -5.62 -2.52
C SER A 148 -2.12 -6.23 -1.91
N ASP A 149 -2.20 -7.50 -1.53
CA ASP A 149 -1.02 -8.14 -0.98
C ASP A 149 -0.34 -9.08 -1.98
N PHE A 150 -0.79 -9.10 -3.23
CA PHE A 150 -0.27 -10.09 -4.17
C PHE A 150 1.21 -9.87 -4.45
N GLY A 151 2.02 -10.92 -4.25
CA GLY A 151 3.41 -10.91 -4.67
C GLY A 151 4.29 -9.85 -4.05
N LEU A 152 3.98 -9.42 -2.81
CA LEU A 152 4.72 -8.29 -2.25
CA LEU A 152 4.71 -8.30 -2.23
C LEU A 152 6.21 -8.55 -2.15
N SER A 153 6.60 -9.81 -1.86
CA SER A 153 8.02 -10.13 -1.75
C SER A 153 8.75 -10.05 -3.08
N ARG A 154 8.02 -10.02 -4.19
CA ARG A 154 8.59 -9.93 -5.52
C ARG A 154 8.46 -8.54 -6.14
N TYR A 155 7.97 -7.55 -5.38
CA TYR A 155 7.83 -6.22 -5.93
C TYR A 155 9.19 -5.71 -6.41
N VAL A 156 9.17 -4.96 -7.50
CA VAL A 156 10.35 -4.27 -8.03
C VAL A 156 10.29 -2.82 -7.61
N LEU A 157 11.37 -2.32 -7.00
CA LEU A 157 11.45 -0.93 -6.58
C LEU A 157 12.01 -0.11 -7.73
N ASP A 158 11.21 0.82 -8.24
CA ASP A 158 11.65 1.64 -9.35
C ASP A 158 12.72 2.64 -8.88
N ASP A 159 13.49 3.10 -9.87
CA ASP A 159 14.61 4.01 -9.65
C ASP A 159 14.21 5.26 -8.87
N GLU A 160 12.99 5.76 -9.07
CA GLU A 160 12.53 6.94 -8.34
C GLU A 160 12.66 6.80 -6.84
N TYR A 161 12.50 5.58 -6.31
CA TYR A 161 12.34 5.39 -4.88
C TYR A 161 13.62 4.99 -4.15
N THR A 162 14.67 4.60 -4.86
CA THR A 162 15.83 3.96 -4.24
C THR A 162 17.05 4.88 -4.21
N SER A 163 18.03 4.47 -3.38
CA SER A 163 19.34 5.09 -3.32
CA SER A 163 19.34 5.09 -3.31
C SER A 163 20.36 4.13 -2.71
N SER A 164 20.60 2.98 -3.33
CA SER A 164 21.55 2.03 -2.76
C SER A 164 22.02 1.05 -3.83
N VAL A 165 23.02 0.25 -3.44
CA VAL A 165 23.63 -0.76 -4.29
C VAL A 165 23.38 -2.12 -3.66
N GLY A 166 22.77 -3.02 -4.42
CA GLY A 166 22.45 -4.33 -3.89
C GLY A 166 21.12 -4.34 -3.17
N SER A 167 21.14 -4.22 -1.84
CA SER A 167 19.90 -4.17 -1.09
C SER A 167 19.22 -2.82 -1.30
N LYS A 168 17.95 -2.86 -1.69
CA LYS A 168 17.19 -1.68 -2.03
C LYS A 168 16.09 -1.46 -1.00
N PHE A 169 15.64 -0.21 -0.90
CA PHE A 169 14.52 0.12 -0.01
C PHE A 169 13.90 1.41 -0.52
N PRO A 170 12.63 1.64 -0.20
CA PRO A 170 11.97 2.89 -0.62
C PRO A 170 12.35 4.00 0.35
N VAL A 171 13.35 4.80 -0.05
CA VAL A 171 14.04 5.71 0.88
C VAL A 171 13.06 6.56 1.69
N ARG A 172 12.11 7.22 1.02
CA ARG A 172 11.26 8.19 1.71
C ARG A 172 10.21 7.56 2.60
N TRP A 173 10.07 6.23 2.57
CA TRP A 173 9.14 5.48 3.40
C TRP A 173 9.85 4.61 4.43
N SER A 174 11.16 4.78 4.62
CA SER A 174 11.95 3.82 5.40
C SER A 174 12.50 4.40 6.71
N PRO A 175 12.45 3.63 7.78
CA PRO A 175 13.02 4.08 9.07
C PRO A 175 14.54 4.02 9.07
N PRO A 176 15.18 4.63 10.08
CA PRO A 176 16.66 4.66 10.10
C PRO A 176 17.32 3.30 10.05
N GLU A 177 16.74 2.26 10.66
CA GLU A 177 17.38 0.95 10.65
C GLU A 177 17.28 0.25 9.31
N VAL A 178 16.30 0.60 8.48
CA VAL A 178 16.28 0.14 7.08
C VAL A 178 17.29 0.94 6.26
N LEU A 179 17.28 2.28 6.40
CA LEU A 179 18.21 3.10 5.64
C LEU A 179 19.65 2.69 5.91
N MET A 180 19.96 2.34 7.16
CA MET A 180 21.34 2.03 7.53
C MET A 180 21.69 0.55 7.38
N TYR A 181 20.81 -0.35 7.80
CA TYR A 181 21.16 -1.77 7.86
C TYR A 181 20.21 -2.67 7.08
N SER A 182 19.28 -2.12 6.32
CA SER A 182 18.29 -2.94 5.59
C SER A 182 17.56 -3.88 6.55
N LYS A 183 17.27 -3.39 7.75
CA LYS A 183 16.66 -4.19 8.80
C LYS A 183 15.15 -3.97 8.78
N PHE A 184 14.46 -4.72 7.92
CA PHE A 184 13.00 -4.66 7.85
C PHE A 184 12.38 -5.47 8.97
N SER A 185 11.23 -5.02 9.44
CA SER A 185 10.50 -5.73 10.48
C SER A 185 9.08 -5.19 10.52
N SER A 186 8.27 -5.72 11.44
CA SER A 186 6.95 -5.14 11.65
C SER A 186 7.05 -3.65 11.90
N LYS A 187 8.12 -3.22 12.59
CA LYS A 187 8.27 -1.82 12.97
C LYS A 187 8.68 -0.93 11.80
N SER A 188 9.22 -1.50 10.72
CA SER A 188 9.43 -0.68 9.53
C SER A 188 8.13 -0.49 8.75
N ASP A 189 7.21 -1.46 8.83
CA ASP A 189 5.89 -1.24 8.27
C ASP A 189 5.14 -0.17 9.05
N ILE A 190 5.34 -0.13 10.38
CA ILE A 190 4.74 0.94 11.19
C ILE A 190 5.23 2.30 10.72
N TRP A 191 6.54 2.44 10.54
CA TRP A 191 7.12 3.70 10.09
C TRP A 191 6.48 4.14 8.78
N ALA A 192 6.41 3.21 7.82
CA ALA A 192 5.88 3.53 6.50
C ALA A 192 4.40 3.89 6.57
N PHE A 193 3.65 3.25 7.48
CA PHE A 193 2.24 3.63 7.67
C PHE A 193 2.12 5.10 8.10
N GLY A 194 3.01 5.54 9.01
CA GLY A 194 3.01 6.96 9.35
C GLY A 194 3.24 7.85 8.15
N VAL A 195 4.20 7.48 7.30
CA VAL A 195 4.43 8.25 6.08
C VAL A 195 3.19 8.24 5.19
N LEU A 196 2.53 7.08 5.07
CA LEU A 196 1.29 7.00 4.31
C LEU A 196 0.24 7.95 4.87
N MET A 197 0.10 8.02 6.21
CA MET A 197 -0.84 8.97 6.78
C MET A 197 -0.48 10.38 6.37
N TRP A 198 0.82 10.69 6.35
CA TRP A 198 1.27 12.01 5.92
C TRP A 198 0.92 12.26 4.44
N GLU A 199 1.09 11.25 3.59
CA GLU A 199 0.70 11.40 2.19
C GLU A 199 -0.79 11.68 2.06
N ILE A 200 -1.61 10.97 2.84
CA ILE A 200 -3.06 11.17 2.80
C ILE A 200 -3.41 12.60 3.19
N TYR A 201 -2.88 13.08 4.32
CA TYR A 201 -3.25 14.39 4.81
C TYR A 201 -2.63 15.52 4.01
N SER A 202 -1.55 15.27 3.27
CA SER A 202 -0.98 16.26 2.38
C SER A 202 -1.55 16.18 0.97
N LEU A 203 -2.53 15.31 0.75
CA LEU A 203 -3.16 15.15 -0.57
C LEU A 203 -2.15 14.72 -1.62
N GLY A 204 -1.23 13.84 -1.22
CA GLY A 204 -0.31 13.22 -2.17
C GLY A 204 0.96 13.99 -2.48
N LYS A 205 1.42 14.86 -1.58
CA LYS A 205 2.71 15.48 -1.76
C LYS A 205 3.82 14.44 -1.63
N MET A 206 4.95 14.74 -2.24
CA MET A 206 6.06 13.83 -2.03
C MET A 206 6.72 14.12 -0.68
N PRO A 207 7.03 13.09 0.09
CA PRO A 207 7.71 13.33 1.38
C PRO A 207 9.10 13.91 1.16
N TYR A 208 9.49 14.85 2.02
CA TYR A 208 10.85 15.42 2.05
C TYR A 208 11.21 16.05 0.71
N GLU A 209 10.30 16.87 0.18
CA GLU A 209 10.41 17.32 -1.21
C GLU A 209 11.65 18.17 -1.47
N ARG A 210 12.24 18.79 -0.46
CA ARG A 210 13.42 19.62 -0.69
C ARG A 210 14.73 18.84 -0.70
N PHE A 211 14.70 17.52 -0.58
CA PHE A 211 15.91 16.72 -0.49
C PHE A 211 15.91 15.63 -1.56
N THR A 212 17.11 15.29 -2.03
CA THR A 212 17.30 14.16 -2.91
C THR A 212 17.10 12.86 -2.14
N ASN A 213 17.08 11.74 -2.87
CA ASN A 213 16.96 10.44 -2.20
C ASN A 213 18.13 10.23 -1.24
N SER A 214 19.36 10.48 -1.69
CA SER A 214 20.51 10.25 -0.83
C SER A 214 20.55 11.24 0.35
N GLU A 215 20.15 12.49 0.11
CA GLU A 215 20.11 13.46 1.22
C GLU A 215 19.06 13.06 2.24
N THR A 216 17.89 12.62 1.77
CA THR A 216 16.84 12.16 2.69
C THR A 216 17.38 11.05 3.57
N ALA A 217 18.04 10.05 2.99
CA ALA A 217 18.55 8.93 3.78
C ALA A 217 19.47 9.44 4.88
N GLU A 218 20.38 10.35 4.53
CA GLU A 218 21.30 10.87 5.53
C GLU A 218 20.55 11.67 6.60
N HIS A 219 19.62 12.53 6.18
CA HIS A 219 18.99 13.45 7.13
C HIS A 219 18.03 12.74 8.08
N ILE A 220 17.38 11.65 7.63
CA ILE A 220 16.53 10.87 8.51
C ILE A 220 17.32 10.33 9.70
N ALA A 221 18.53 9.80 9.41
CA ALA A 221 19.38 9.29 10.47
C ALA A 221 19.68 10.39 11.48
N GLN A 222 19.80 11.62 11.01
CA GLN A 222 20.12 12.80 11.79
CA GLN A 222 20.12 12.77 11.85
C GLN A 222 18.88 13.51 12.33
N GLY A 223 17.72 12.85 12.35
CA GLY A 223 16.55 13.37 13.03
C GLY A 223 15.50 14.06 12.19
N LEU A 224 15.63 14.10 10.87
CA LEU A 224 14.61 14.73 10.04
C LEU A 224 13.29 13.96 10.16
N ARG A 225 12.19 14.69 10.30
CA ARG A 225 10.86 14.12 10.36
C ARG A 225 9.91 14.97 9.53
N LEU A 226 8.84 14.36 9.05
CA LEU A 226 7.83 15.09 8.29
C LEU A 226 7.01 16.00 9.20
N TYR A 227 6.80 17.23 8.74
CA TYR A 227 6.01 18.24 9.45
C TYR A 227 4.52 17.89 9.39
N ARG A 228 3.71 18.61 10.17
CA ARG A 228 2.28 18.36 10.22
C ARG A 228 1.58 18.97 9.00
N PRO A 229 0.91 18.17 8.17
CA PRO A 229 0.11 18.77 7.09
C PRO A 229 -1.02 19.62 7.66
N HIS A 230 -1.35 20.68 6.92
CA HIS A 230 -2.37 21.60 7.39
C HIS A 230 -3.71 20.93 7.68
N LEU A 231 -4.09 19.92 6.90
CA LEU A 231 -5.36 19.25 7.11
C LEU A 231 -5.37 18.30 8.30
N ALA A 232 -4.21 17.97 8.88
CA ALA A 232 -4.13 17.06 10.01
C ALA A 232 -4.19 17.83 11.31
N SER A 233 -5.15 17.49 12.17
CA SER A 233 -5.18 18.10 13.50
C SER A 233 -3.95 17.65 14.29
N GLU A 234 -3.70 18.30 15.43
CA GLU A 234 -2.59 17.87 16.28
CA GLU A 234 -2.59 17.87 16.27
C GLU A 234 -2.78 16.44 16.77
N LYS A 235 -4.03 16.04 17.04
CA LYS A 235 -4.28 14.68 17.51
C LYS A 235 -3.94 13.67 16.41
N VAL A 236 -4.28 13.99 15.16
CA VAL A 236 -3.93 13.11 14.05
C VAL A 236 -2.41 13.08 13.87
N TYR A 237 -1.76 14.24 13.99
CA TYR A 237 -0.32 14.28 13.83
C TYR A 237 0.38 13.47 14.90
N THR A 238 -0.12 13.49 16.13
CA THR A 238 0.44 12.66 17.19
C THR A 238 0.46 11.20 16.78
N ILE A 239 -0.60 10.72 16.13
CA ILE A 239 -0.66 9.33 15.68
C ILE A 239 0.42 9.06 14.63
N MET A 240 0.50 9.88 13.56
CA MET A 240 1.50 9.57 12.55
C MET A 240 2.91 9.70 13.12
N TYR A 241 3.12 10.71 13.98
CA TYR A 241 4.44 10.95 14.54
C TYR A 241 4.89 9.80 15.45
N SER A 242 3.95 9.14 16.13
CA SER A 242 4.30 7.99 16.97
C SER A 242 4.92 6.86 16.15
N CYS A 243 4.67 6.83 14.84
CA CYS A 243 5.24 5.80 13.98
C CYS A 243 6.71 6.03 13.71
N TRP A 244 7.25 7.20 14.09
CA TRP A 244 8.58 7.62 13.66
C TRP A 244 9.59 7.67 14.79
N HIS A 245 9.33 6.97 15.89
CA HIS A 245 10.32 6.87 16.95
C HIS A 245 11.62 6.34 16.37
N GLU A 246 12.75 6.95 16.77
CA GLU A 246 14.05 6.45 16.39
C GLU A 246 14.21 4.97 16.72
N LYS A 247 13.85 4.60 17.94
CA LYS A 247 14.01 3.21 18.36
C LYS A 247 12.80 2.40 17.89
N ALA A 248 13.06 1.39 17.06
CA ALA A 248 11.97 0.61 16.50
C ALA A 248 11.05 0.04 17.58
N ASP A 249 11.63 -0.40 18.71
CA ASP A 249 10.79 -1.05 19.70
C ASP A 249 9.85 -0.09 20.44
N GLU A 250 10.03 1.22 20.27
CA GLU A 250 9.14 2.19 20.89
C GLU A 250 7.99 2.60 19.97
N ARG A 251 7.98 2.11 18.74
CA ARG A 251 6.88 2.41 17.85
C ARG A 251 5.69 1.52 18.19
N PRO A 252 4.47 2.01 17.98
CA PRO A 252 3.28 1.22 18.32
C PRO A 252 3.12 0.02 17.40
N THR A 253 2.14 -0.82 17.74
CA THR A 253 1.65 -1.85 16.84
C THR A 253 0.47 -1.32 16.04
N PHE A 254 0.07 -2.06 15.00
CA PHE A 254 -1.11 -1.65 14.24
C PHE A 254 -2.38 -1.72 15.07
N LYS A 255 -2.44 -2.65 16.04
CA LYS A 255 -3.60 -2.72 16.91
C LYS A 255 -3.71 -1.46 17.75
N ILE A 256 -2.58 -0.97 18.28
CA ILE A 256 -2.60 0.28 19.04
C ILE A 256 -2.96 1.46 18.14
N LEU A 257 -2.35 1.54 16.95
CA LEU A 257 -2.65 2.63 16.03
C LEU A 257 -4.13 2.65 15.68
N LEU A 258 -4.74 1.48 15.44
CA LEU A 258 -6.16 1.46 15.09
C LEU A 258 -7.00 2.00 16.24
N SER A 259 -6.66 1.59 17.47
CA SER A 259 -7.38 2.10 18.64
C SER A 259 -7.26 3.62 18.73
N ASN A 260 -6.05 4.15 18.49
CA ASN A 260 -5.86 5.59 18.52
C ASN A 260 -6.67 6.29 17.44
N ILE A 261 -6.67 5.74 16.22
CA ILE A 261 -7.42 6.34 15.12
C ILE A 261 -8.92 6.37 15.45
N LEU A 262 -9.45 5.26 15.98
CA LEU A 262 -10.86 5.24 16.33
C LEU A 262 -11.19 6.24 17.43
N ASP A 263 -10.27 6.41 18.39
CA ASP A 263 -10.48 7.41 19.45
C ASP A 263 -10.57 8.81 18.86
N VAL A 264 -9.62 9.17 18.00
CA VAL A 264 -9.62 10.50 17.40
C VAL A 264 -10.85 10.69 16.52
N MET A 265 -11.23 9.66 15.77
CA MET A 265 -12.42 9.74 14.94
C MET A 265 -13.66 10.02 15.78
N ASP A 266 -13.74 9.38 16.96
CA ASP A 266 -14.86 9.60 17.86
C ASP A 266 -14.85 11.01 18.43
N GLU A 267 -13.67 11.52 18.78
CA GLU A 267 -13.57 12.85 19.37
C GLU A 267 -13.77 13.96 18.33
N GLU A 268 -13.27 13.75 17.12
CA GLU A 268 -13.33 14.80 16.08
C GLU A 268 -14.54 14.63 15.17
N1 IS4 B . -5.03 -1.24 -10.63
C7 IS4 B . -6.97 0.67 -11.25
C8 IS4 B . -5.51 1.08 -11.09
N2 IS4 B . -7.24 -0.53 -10.49
C9 IS4 B . -4.57 -0.07 -11.38
O1 IS4 B . -0.47 4.27 -11.05
C1 IS4 B . -2.75 -5.85 -8.32
C5 IS4 B . -5.01 -3.20 -9.71
C6 IS4 B . -6.31 -1.46 -10.26
N3 IS4 B . -0.94 2.13 -10.57
C4 IS4 B . -4.45 -4.52 -9.37
C3 IS4 B . -3.31 -4.61 -8.57
O3 IS4 B . -4.92 -8.08 -10.19
C2 IS4 B . -0.81 -4.89 -7.29
N4 IS4 B . -7.58 -4.36 -8.37
N IS4 B . -4.22 -2.30 -10.30
C IS4 B . -3.34 -6.98 -8.84
O IS4 B . -1.62 -6.04 -7.58
C10 IS4 B . -3.08 0.26 -11.23
C11 IS4 B . -2.69 1.42 -12.14
C12 IS4 B . -1.22 1.77 -11.97
C13 IS4 B . -0.52 3.36 -10.24
C14 IS4 B . -0.10 3.62 -8.82
C15 IS4 B . -0.56 4.99 -8.35
C16 IS4 B . -1.23 1.00 -9.68
C17 IS4 B . -2.71 0.60 -9.77
C18 IS4 B . -6.35 -2.71 -9.64
C19 IS4 B . -7.61 -3.25 -9.09
C20 IS4 B . -5.02 -5.66 -9.91
C21 IS4 B . -4.46 -6.90 -9.66
C22 IS4 B . -6.09 -8.01 -11.00
O2 IS4 B . -8.69 -2.66 -9.34
BR IS4 B . -2.69 -8.66 -8.29
C1 EDO C . -7.67 -0.31 -24.78
O1 EDO C . -8.08 0.32 -23.58
C2 EDO C . -8.34 -1.62 -25.00
O2 EDO C . -8.06 -2.58 -24.00
#